data_1JDM
#
_entry.id   1JDM
#
_entity_poly.entity_id   1
_entity_poly.type   'polypeptide(L)'
_entity_poly.pdbx_seq_one_letter_code
;MGINTRELFLNFTIVLITVILMWLLVRSYQY
;
_entity_poly.pdbx_strand_id   A
#
# COMPACT_ATOMS: atom_id res chain seq x y z
N MET A 1 -5.46 8.08 -20.28
CA MET A 1 -5.95 6.75 -19.83
C MET A 1 -6.70 6.03 -20.95
N GLY A 2 -5.96 5.53 -21.93
CA GLY A 2 -6.57 4.83 -23.04
C GLY A 2 -5.68 3.75 -23.62
N ILE A 3 -6.11 2.49 -23.48
CA ILE A 3 -5.35 1.36 -23.99
C ILE A 3 -3.98 1.29 -23.31
N ASN A 4 -3.99 1.09 -22.00
CA ASN A 4 -2.75 1.00 -21.23
C ASN A 4 -3.02 0.63 -19.78
N THR A 5 -3.48 -0.59 -19.56
CA THR A 5 -3.78 -1.07 -18.20
C THR A 5 -2.57 -0.85 -17.30
N ARG A 6 -2.74 -1.12 -16.00
CA ARG A 6 -1.66 -0.96 -15.04
C ARG A 6 -1.00 0.41 -15.19
N GLU A 7 -1.80 1.47 -15.03
CA GLU A 7 -1.30 2.84 -15.15
C GLU A 7 -1.75 3.72 -13.99
N LEU A 8 -2.39 3.11 -12.99
CA LEU A 8 -2.87 3.83 -11.81
C LEU A 8 -2.59 3.03 -10.54
N PHE A 9 -1.77 1.98 -10.68
CA PHE A 9 -1.42 1.13 -9.57
C PHE A 9 -0.60 1.89 -8.53
N LEU A 10 0.14 2.87 -8.99
CA LEU A 10 0.98 3.67 -8.10
C LEU A 10 0.17 4.24 -6.93
N ASN A 11 -0.86 5.01 -7.23
CA ASN A 11 -1.68 5.60 -6.19
C ASN A 11 -2.46 4.53 -5.42
N PHE A 12 -3.02 3.58 -6.14
CA PHE A 12 -3.81 2.53 -5.52
C PHE A 12 -2.94 1.54 -4.73
N THR A 13 -2.04 0.86 -5.44
CA THR A 13 -1.16 -0.13 -4.83
C THR A 13 -0.25 0.45 -3.75
N ILE A 14 -0.05 1.76 -3.74
CA ILE A 14 0.81 2.38 -2.72
C ILE A 14 0.02 2.68 -1.47
N VAL A 15 -1.19 3.15 -1.66
CA VAL A 15 -2.07 3.43 -0.54
C VAL A 15 -2.43 2.14 0.16
N LEU A 16 -2.28 1.04 -0.56
CA LEU A 16 -2.58 -0.28 -0.01
C LEU A 16 -1.37 -0.90 0.68
N ILE A 17 -0.18 -0.64 0.15
CA ILE A 17 1.02 -1.16 0.76
C ILE A 17 1.42 -0.24 1.89
N THR A 18 0.91 1.00 1.86
CA THR A 18 1.18 1.96 2.91
C THR A 18 0.26 1.72 4.10
N VAL A 19 -1.01 1.46 3.80
CA VAL A 19 -2.00 1.22 4.84
C VAL A 19 -1.61 -0.01 5.65
N ILE A 20 -1.28 -1.06 4.93
CA ILE A 20 -0.89 -2.33 5.52
C ILE A 20 0.38 -2.17 6.38
N LEU A 21 1.49 -1.77 5.77
CA LEU A 21 2.73 -1.61 6.53
C LEU A 21 2.53 -0.71 7.74
N MET A 22 1.51 0.13 7.69
CA MET A 22 1.25 1.04 8.79
C MET A 22 0.77 0.29 10.02
N TRP A 23 -0.40 -0.33 9.89
CA TRP A 23 -1.03 -1.05 10.98
C TRP A 23 -0.14 -2.13 11.54
N LEU A 24 0.83 -2.58 10.77
CA LEU A 24 1.71 -3.62 11.29
C LEU A 24 3.19 -3.40 11.04
N LEU A 25 3.60 -2.76 9.93
CA LEU A 25 5.03 -2.55 9.73
C LEU A 25 5.54 -1.35 10.52
N VAL A 26 4.63 -0.53 11.05
CA VAL A 26 5.03 0.61 11.86
C VAL A 26 5.19 0.21 13.32
N ARG A 27 4.39 -0.76 13.73
CA ARG A 27 4.42 -1.26 15.10
C ARG A 27 5.85 -1.45 15.59
N SER A 28 6.51 -2.49 15.07
CA SER A 28 7.89 -2.78 15.45
C SER A 28 8.51 -3.80 14.49
N TYR A 29 8.11 -3.74 13.23
CA TYR A 29 8.62 -4.64 12.21
C TYR A 29 8.53 -4.03 10.82
N GLN A 30 9.49 -3.17 10.49
CA GLN A 30 9.50 -2.51 9.19
C GLN A 30 9.43 -3.53 8.05
N TYR A 31 9.18 -3.05 6.84
CA TYR A 31 9.09 -3.93 5.68
C TYR A 31 10.43 -4.59 5.40
N MET A 1 -2.89 -9.77 -15.09
CA MET A 1 -3.03 -9.94 -13.62
C MET A 1 -3.56 -8.66 -12.97
N GLY A 2 -4.79 -8.74 -12.44
CA GLY A 2 -5.39 -7.58 -11.80
C GLY A 2 -6.81 -7.33 -12.27
N ILE A 3 -7.25 -6.08 -12.16
CA ILE A 3 -8.60 -5.72 -12.59
C ILE A 3 -8.55 -4.90 -13.89
N ASN A 4 -7.63 -5.28 -14.76
CA ASN A 4 -7.47 -4.60 -16.04
C ASN A 4 -7.21 -3.10 -15.83
N THR A 5 -6.06 -2.79 -15.21
CA THR A 5 -5.69 -1.40 -14.96
C THR A 5 -4.21 -1.18 -15.18
N ARG A 6 -3.73 -0.01 -14.78
CA ARG A 6 -2.31 0.38 -14.92
C ARG A 6 -2.13 1.90 -14.94
N GLU A 7 -3.23 2.65 -15.04
CA GLU A 7 -3.15 4.11 -15.08
C GLU A 7 -3.21 4.70 -13.68
N LEU A 8 -3.79 3.96 -12.74
CA LEU A 8 -3.91 4.43 -11.37
C LEU A 8 -3.42 3.40 -10.36
N PHE A 9 -3.13 2.19 -10.83
CA PHE A 9 -2.66 1.12 -9.97
C PHE A 9 -1.52 1.61 -9.08
N LEU A 10 -0.80 2.59 -9.59
CA LEU A 10 0.33 3.18 -8.89
C LEU A 10 -0.08 3.68 -7.50
N ASN A 11 -0.87 4.75 -7.46
CA ASN A 11 -1.30 5.32 -6.18
C ASN A 11 -1.94 4.24 -5.30
N PHE A 12 -2.63 3.29 -5.92
CA PHE A 12 -3.24 2.20 -5.15
C PHE A 12 -2.16 1.37 -4.48
N THR A 13 -1.24 0.83 -5.27
CA THR A 13 -0.14 0.03 -4.74
C THR A 13 0.54 0.73 -3.57
N ILE A 14 0.45 2.06 -3.55
CA ILE A 14 1.06 2.84 -2.48
C ILE A 14 0.10 3.02 -1.33
N VAL A 15 -1.02 3.65 -1.61
CA VAL A 15 -2.04 3.89 -0.62
C VAL A 15 -2.47 2.58 0.03
N LEU A 16 -2.35 1.50 -0.71
CA LEU A 16 -2.70 0.20 -0.19
C LEU A 16 -1.54 -0.37 0.62
N ILE A 17 -0.43 -0.67 -0.05
CA ILE A 17 0.74 -1.19 0.64
C ILE A 17 1.11 -0.30 1.82
N THR A 18 0.71 0.96 1.76
CA THR A 18 1.00 1.89 2.85
C THR A 18 0.13 1.55 4.04
N VAL A 19 -1.18 1.40 3.80
CA VAL A 19 -2.11 1.06 4.88
C VAL A 19 -1.59 -0.16 5.66
N ILE A 20 -1.01 -1.11 4.94
CA ILE A 20 -0.47 -2.31 5.57
C ILE A 20 0.69 -1.97 6.50
N LEU A 21 1.85 -1.66 5.92
CA LEU A 21 3.04 -1.34 6.71
C LEU A 21 2.71 -0.46 7.93
N MET A 22 1.64 0.32 7.82
CA MET A 22 1.27 1.17 8.94
C MET A 22 0.75 0.34 10.12
N TRP A 23 -0.37 -0.35 9.89
CA TRP A 23 -1.01 -1.16 10.91
C TRP A 23 -0.14 -2.29 11.39
N LEU A 24 0.89 -2.63 10.65
CA LEU A 24 1.76 -3.71 11.10
C LEU A 24 3.25 -3.42 10.98
N LEU A 25 3.68 -2.65 9.99
CA LEU A 25 5.12 -2.36 9.89
C LEU A 25 5.52 -1.30 10.90
N VAL A 26 4.56 -0.49 11.34
CA VAL A 26 4.84 0.54 12.34
C VAL A 26 4.90 -0.06 13.73
N ARG A 27 4.10 -1.09 13.94
CA ARG A 27 4.04 -1.77 15.22
C ARG A 27 5.27 -2.65 15.43
N SER A 28 5.34 -3.74 14.68
CA SER A 28 6.47 -4.66 14.78
C SER A 28 6.40 -5.72 13.69
N TYR A 29 6.10 -5.29 12.47
CA TYR A 29 6.00 -6.17 11.32
C TYR A 29 5.22 -7.46 11.65
N GLN A 30 4.33 -7.36 12.63
CA GLN A 30 3.49 -8.49 13.05
C GLN A 30 4.24 -9.83 12.97
N TYR A 31 3.48 -10.93 12.88
CA TYR A 31 4.02 -12.31 12.83
C TYR A 31 3.25 -13.22 13.78
N MET A 1 -2.49 8.69 -17.66
CA MET A 1 -3.61 9.66 -17.73
C MET A 1 -3.17 11.03 -17.23
N GLY A 2 -2.92 11.96 -18.16
CA GLY A 2 -2.49 13.29 -17.78
C GLY A 2 -0.99 13.42 -17.71
N ILE A 3 -0.34 12.45 -17.05
CA ILE A 3 1.12 12.47 -16.90
C ILE A 3 1.68 11.05 -16.84
N ASN A 4 2.95 10.93 -16.48
CA ASN A 4 3.61 9.64 -16.38
C ASN A 4 2.94 8.76 -15.30
N THR A 5 3.73 8.23 -14.36
CA THR A 5 3.19 7.38 -13.30
C THR A 5 2.25 6.32 -13.84
N ARG A 6 1.59 5.62 -12.93
CA ARG A 6 0.64 4.56 -13.29
C ARG A 6 -0.77 4.95 -12.86
N GLU A 7 -1.02 6.26 -12.75
CA GLU A 7 -2.32 6.82 -12.37
C GLU A 7 -3.29 5.78 -11.83
N LEU A 8 -3.50 5.80 -10.51
CA LEU A 8 -4.40 4.86 -9.82
C LEU A 8 -3.68 3.58 -9.47
N PHE A 9 -2.81 3.15 -10.37
CA PHE A 9 -2.03 1.93 -10.16
C PHE A 9 -1.04 2.09 -9.01
N LEU A 10 -0.50 3.29 -8.89
CA LEU A 10 0.44 3.59 -7.82
C LEU A 10 -0.29 3.96 -6.53
N ASN A 11 -1.06 5.04 -6.59
CA ASN A 11 -1.82 5.51 -5.43
C ASN A 11 -2.47 4.35 -4.69
N PHE A 12 -2.89 3.34 -5.45
CA PHE A 12 -3.52 2.16 -4.88
C PHE A 12 -2.47 1.24 -4.28
N THR A 13 -1.56 0.75 -5.12
CA THR A 13 -0.49 -0.15 -4.67
C THR A 13 0.33 0.46 -3.53
N ILE A 14 0.33 1.78 -3.43
CA ILE A 14 1.09 2.46 -2.39
C ILE A 14 0.27 2.55 -1.12
N VAL A 15 -0.71 3.42 -1.15
CA VAL A 15 -1.61 3.62 -0.02
C VAL A 15 -2.10 2.28 0.53
N LEU A 16 -2.13 1.27 -0.35
CA LEU A 16 -2.56 -0.06 0.05
C LEU A 16 -1.43 -0.76 0.79
N ILE A 17 -0.34 -1.05 0.09
CA ILE A 17 0.80 -1.69 0.72
C ILE A 17 1.27 -0.88 1.92
N THR A 18 0.90 0.40 1.93
CA THR A 18 1.25 1.30 3.00
C THR A 18 0.34 1.11 4.21
N VAL A 19 -0.97 1.07 3.99
CA VAL A 19 -1.92 0.91 5.09
C VAL A 19 -1.49 -0.30 5.93
N ILE A 20 -1.22 -1.39 5.25
CA ILE A 20 -0.76 -2.61 5.91
C ILE A 20 0.58 -2.37 6.60
N LEU A 21 1.65 -2.34 5.81
CA LEU A 21 3.00 -2.13 6.33
C LEU A 21 3.05 -1.06 7.40
N MET A 22 2.17 -0.09 7.30
CA MET A 22 2.12 0.96 8.30
C MET A 22 1.33 0.46 9.51
N TRP A 23 0.16 -0.09 9.23
CA TRP A 23 -0.71 -0.63 10.27
C TRP A 23 -0.07 -1.80 10.97
N LEU A 24 0.97 -2.37 10.37
CA LEU A 24 1.64 -3.50 10.99
C LEU A 24 3.16 -3.37 10.98
N LEU A 25 3.79 -3.04 9.85
CA LEU A 25 5.25 -2.88 9.88
C LEU A 25 5.66 -1.54 10.50
N VAL A 26 4.69 -0.70 10.86
CA VAL A 26 4.99 0.58 11.46
C VAL A 26 4.30 0.77 12.80
N ARG A 27 3.15 0.13 12.95
CA ARG A 27 2.36 0.23 14.18
C ARG A 27 3.24 0.23 15.43
N SER A 28 4.35 -0.52 15.37
CA SER A 28 5.26 -0.61 16.51
C SER A 28 6.72 -0.48 16.07
N TYR A 29 6.94 0.00 14.85
CA TYR A 29 8.30 0.16 14.35
C TYR A 29 8.69 1.64 14.25
N GLN A 30 7.72 2.52 14.52
CA GLN A 30 7.97 3.96 14.48
C GLN A 30 7.42 4.64 15.73
N TYR A 31 8.25 4.70 16.77
CA TYR A 31 7.85 5.32 18.03
C TYR A 31 6.60 4.66 18.60
N MET A 1 -12.09 -3.43 1.95
CA MET A 1 -12.45 -3.95 0.62
C MET A 1 -11.96 -3.04 -0.50
N GLY A 2 -12.34 -3.36 -1.73
CA GLY A 2 -11.94 -2.55 -2.87
C GLY A 2 -12.48 -3.08 -4.19
N ILE A 3 -12.54 -4.40 -4.31
CA ILE A 3 -13.05 -5.04 -5.52
C ILE A 3 -12.55 -4.36 -6.78
N ASN A 4 -11.33 -3.82 -6.72
CA ASN A 4 -10.72 -3.13 -7.86
C ASN A 4 -9.33 -3.66 -8.13
N THR A 5 -9.07 -4.02 -9.38
CA THR A 5 -7.76 -4.54 -9.76
C THR A 5 -6.94 -3.48 -10.46
N ARG A 6 -7.51 -2.87 -11.50
CA ARG A 6 -6.82 -1.83 -12.25
C ARG A 6 -7.28 -0.44 -11.80
N GLU A 7 -8.16 0.20 -12.56
CA GLU A 7 -8.67 1.54 -12.23
C GLU A 7 -7.54 2.50 -11.85
N LEU A 8 -7.15 2.49 -10.58
CA LEU A 8 -6.08 3.35 -10.09
C LEU A 8 -5.12 2.58 -9.19
N PHE A 9 -4.88 1.31 -9.55
CA PHE A 9 -3.99 0.45 -8.80
C PHE A 9 -2.70 1.16 -8.44
N LEU A 10 -2.29 2.08 -9.29
CA LEU A 10 -1.07 2.85 -9.08
C LEU A 10 -1.00 3.39 -7.65
N ASN A 11 -1.63 4.54 -7.42
CA ASN A 11 -1.63 5.14 -6.09
C ASN A 11 -2.02 4.11 -5.03
N PHE A 12 -3.01 3.29 -5.35
CA PHE A 12 -3.47 2.26 -4.43
C PHE A 12 -2.33 1.32 -4.06
N THR A 13 -1.41 1.10 -5.00
CA THR A 13 -0.27 0.22 -4.76
C THR A 13 0.72 0.85 -3.79
N ILE A 14 0.82 2.17 -3.86
CA ILE A 14 1.72 2.91 -2.96
C ILE A 14 1.02 3.18 -1.65
N VAL A 15 -0.29 3.33 -1.75
CA VAL A 15 -1.12 3.57 -0.59
C VAL A 15 -1.37 2.26 0.14
N LEU A 16 -1.27 1.16 -0.59
CA LEU A 16 -1.49 -0.15 0.00
C LEU A 16 -0.25 -0.62 0.73
N ILE A 17 0.91 -0.29 0.18
CA ILE A 17 2.15 -0.64 0.83
C ILE A 17 2.37 0.31 1.99
N THR A 18 1.72 1.47 1.92
CA THR A 18 1.80 2.46 2.98
C THR A 18 0.84 2.14 4.12
N VAL A 19 -0.43 1.93 3.78
CA VAL A 19 -1.43 1.60 4.79
C VAL A 19 -1.11 0.29 5.49
N ILE A 20 -0.45 -0.62 4.78
CA ILE A 20 -0.10 -1.91 5.36
C ILE A 20 1.07 -1.78 6.33
N LEU A 21 2.18 -1.18 5.89
CA LEU A 21 3.35 -1.03 6.76
C LEU A 21 2.98 -0.29 8.04
N MET A 22 1.96 0.55 7.97
CA MET A 22 1.53 1.29 9.13
C MET A 22 0.84 0.36 10.11
N TRP A 23 -0.30 -0.20 9.69
CA TRP A 23 -1.05 -1.12 10.51
C TRP A 23 -0.31 -2.43 10.67
N LEU A 24 0.85 -2.56 10.02
CA LEU A 24 1.63 -3.78 10.12
C LEU A 24 3.06 -3.50 10.52
N LEU A 25 3.82 -2.84 9.64
CA LEU A 25 5.22 -2.54 9.96
C LEU A 25 5.34 -1.59 11.14
N VAL A 26 4.23 -0.95 11.51
CA VAL A 26 4.23 -0.03 12.64
C VAL A 26 3.41 -0.57 13.79
N ARG A 27 2.41 -1.37 13.46
CA ARG A 27 1.53 -1.96 14.46
C ARG A 27 1.80 -3.45 14.64
N SER A 28 3.07 -3.82 14.76
CA SER A 28 3.45 -5.22 14.95
C SER A 28 4.90 -5.34 15.42
N TYR A 29 5.34 -4.35 16.19
CA TYR A 29 6.71 -4.35 16.70
C TYR A 29 6.81 -3.57 18.01
N GLN A 30 7.32 -2.35 17.93
CA GLN A 30 7.50 -1.50 19.08
C GLN A 30 8.33 -2.20 20.14
N TYR A 31 9.57 -2.54 19.79
CA TYR A 31 10.46 -3.22 20.72
C TYR A 31 11.63 -2.32 21.10
N MET A 1 -10.26 6.08 -14.93
CA MET A 1 -11.50 5.71 -14.19
C MET A 1 -11.25 4.50 -13.27
N GLY A 2 -9.99 4.29 -12.90
CA GLY A 2 -9.65 3.18 -12.04
C GLY A 2 -8.43 2.41 -12.51
N ILE A 3 -8.19 2.45 -13.82
CA ILE A 3 -7.04 1.77 -14.41
C ILE A 3 -6.23 2.71 -15.30
N ASN A 4 -5.29 2.15 -16.04
CA ASN A 4 -4.44 2.94 -16.93
C ASN A 4 -3.93 4.21 -16.24
N THR A 5 -3.85 5.32 -16.98
CA THR A 5 -3.38 6.58 -16.41
C THR A 5 -2.08 6.37 -15.62
N ARG A 6 -2.12 6.54 -14.30
CA ARG A 6 -0.93 6.33 -13.46
C ARG A 6 -1.17 6.87 -12.05
N GLU A 7 -1.98 7.92 -11.95
CA GLU A 7 -2.29 8.54 -10.66
C GLU A 7 -3.32 7.73 -9.88
N LEU A 8 -3.71 6.57 -10.41
CA LEU A 8 -4.69 5.72 -9.74
C LEU A 8 -4.07 4.40 -9.31
N PHE A 9 -3.48 3.72 -10.28
CA PHE A 9 -2.84 2.42 -10.04
C PHE A 9 -1.61 2.57 -9.16
N LEU A 10 -1.00 3.74 -9.20
CA LEU A 10 0.19 4.01 -8.42
C LEU A 10 -0.17 4.25 -6.95
N ASN A 11 -1.00 5.25 -6.70
CA ASN A 11 -1.42 5.57 -5.34
C ASN A 11 -2.14 4.39 -4.70
N PHE A 12 -2.65 3.49 -5.53
CA PHE A 12 -3.36 2.31 -5.03
C PHE A 12 -2.38 1.28 -4.48
N THR A 13 -1.62 0.67 -5.37
CA THR A 13 -0.66 -0.36 -4.98
C THR A 13 0.26 0.10 -3.85
N ILE A 14 0.45 1.42 -3.72
CA ILE A 14 1.34 1.96 -2.68
C ILE A 14 0.59 2.19 -1.39
N VAL A 15 -0.30 3.14 -1.42
CA VAL A 15 -1.12 3.48 -0.26
C VAL A 15 -1.72 2.21 0.35
N LEU A 16 -1.92 1.20 -0.48
CA LEU A 16 -2.47 -0.07 -0.01
C LEU A 16 -1.40 -0.89 0.68
N ILE A 17 -0.32 -1.20 -0.03
CA ILE A 17 0.77 -1.95 0.56
C ILE A 17 1.32 -1.18 1.77
N THR A 18 1.08 0.12 1.76
CA THR A 18 1.51 0.98 2.82
C THR A 18 0.57 0.86 4.02
N VAL A 19 -0.73 0.66 3.75
CA VAL A 19 -1.70 0.50 4.82
C VAL A 19 -1.30 -0.65 5.72
N ILE A 20 -1.03 -1.81 5.13
CA ILE A 20 -0.61 -2.97 5.90
C ILE A 20 0.69 -2.66 6.66
N LEU A 21 1.67 -2.09 5.96
CA LEU A 21 2.92 -1.71 6.60
C LEU A 21 2.69 -0.64 7.66
N MET A 22 1.65 0.15 7.47
CA MET A 22 1.31 1.20 8.41
C MET A 22 0.76 0.59 9.69
N TRP A 23 -0.44 0.04 9.60
CA TRP A 23 -1.08 -0.59 10.74
C TRP A 23 -0.30 -1.77 11.27
N LEU A 24 0.81 -2.12 10.60
CA LEU A 24 1.60 -3.23 11.07
C LEU A 24 3.09 -2.93 11.10
N LEU A 25 3.67 -2.64 9.94
CA LEU A 25 5.10 -2.37 9.86
C LEU A 25 5.48 -1.14 10.68
N VAL A 26 4.50 -0.31 11.01
CA VAL A 26 4.77 0.89 11.80
C VAL A 26 4.54 0.66 13.28
N ARG A 27 3.59 -0.21 13.60
CA ARG A 27 3.28 -0.49 14.99
C ARG A 27 4.48 -1.09 15.72
N SER A 28 4.69 -2.40 15.58
CA SER A 28 5.79 -3.08 16.24
C SER A 28 5.61 -3.06 17.75
N TYR A 29 4.57 -3.74 18.20
CA TYR A 29 4.27 -3.82 19.64
C TYR A 29 4.33 -5.25 20.13
N GLN A 30 5.51 -5.86 20.04
CA GLN A 30 5.71 -7.23 20.48
C GLN A 30 7.16 -7.68 20.26
N TYR A 31 8.09 -6.79 20.57
CA TYR A 31 9.51 -7.09 20.42
C TYR A 31 10.20 -7.20 21.77
N MET A 1 -3.71 2.87 -22.71
CA MET A 1 -3.75 4.34 -22.89
C MET A 1 -2.58 5.00 -22.16
N GLY A 2 -2.33 4.54 -20.94
CA GLY A 2 -1.24 5.10 -20.15
C GLY A 2 -0.03 4.19 -20.12
N ILE A 3 0.66 4.16 -18.98
CA ILE A 3 1.85 3.33 -18.82
C ILE A 3 1.47 1.93 -18.33
N ASN A 4 1.72 1.63 -17.05
CA ASN A 4 1.39 0.33 -16.50
C ASN A 4 0.36 0.44 -15.37
N THR A 5 -0.19 1.63 -15.17
CA THR A 5 -1.17 1.87 -14.14
C THR A 5 -2.53 1.30 -14.54
N ARG A 6 -3.57 1.69 -13.80
CA ARG A 6 -4.92 1.23 -14.08
C ARG A 6 -5.96 1.88 -13.17
N GLU A 7 -6.24 3.16 -13.44
CA GLU A 7 -7.21 3.92 -12.66
C GLU A 7 -6.68 4.16 -11.26
N LEU A 8 -5.62 4.98 -11.17
CA LEU A 8 -5.00 5.29 -9.89
C LEU A 8 -4.35 4.01 -9.35
N PHE A 9 -3.68 3.28 -10.25
CA PHE A 9 -3.03 2.03 -9.88
C PHE A 9 -1.72 2.28 -9.16
N LEU A 10 -1.17 3.48 -9.33
CA LEU A 10 0.09 3.84 -8.71
C LEU A 10 -0.13 4.25 -7.25
N ASN A 11 -0.94 5.28 -7.04
CA ASN A 11 -1.22 5.74 -5.69
C ASN A 11 -1.98 4.69 -4.88
N PHE A 12 -2.71 3.81 -5.59
CA PHE A 12 -3.47 2.76 -4.92
C PHE A 12 -2.55 1.64 -4.45
N THR A 13 -1.94 0.95 -5.42
CA THR A 13 -1.04 -0.17 -5.12
C THR A 13 0.00 0.18 -4.05
N ILE A 14 0.42 1.45 -4.01
CA ILE A 14 1.42 1.88 -3.03
C ILE A 14 0.78 2.13 -1.68
N VAL A 15 -0.11 3.10 -1.66
CA VAL A 15 -0.84 3.44 -0.44
C VAL A 15 -1.53 2.20 0.11
N LEU A 16 -1.81 1.26 -0.78
CA LEU A 16 -2.48 0.01 -0.41
C LEU A 16 -1.54 -0.83 0.46
N ILE A 17 -0.40 -1.22 -0.11
CA ILE A 17 0.57 -1.97 0.64
C ILE A 17 1.06 -1.13 1.80
N THR A 18 0.91 0.18 1.67
CA THR A 18 1.31 1.10 2.72
C THR A 18 0.36 0.99 3.89
N VAL A 19 -0.94 0.91 3.59
CA VAL A 19 -1.97 0.79 4.63
C VAL A 19 -1.68 -0.42 5.52
N ILE A 20 -1.45 -1.57 4.89
CA ILE A 20 -1.14 -2.78 5.63
C ILE A 20 0.10 -2.59 6.50
N LEU A 21 1.27 -2.58 5.87
CA LEU A 21 2.51 -2.39 6.60
C LEU A 21 2.39 -1.29 7.63
N MET A 22 1.85 -0.14 7.25
CA MET A 22 1.68 0.97 8.18
C MET A 22 1.19 0.48 9.53
N TRP A 23 0.09 -0.27 9.52
CA TRP A 23 -0.45 -0.82 10.75
C TRP A 23 0.53 -1.82 11.35
N LEU A 24 1.44 -2.29 10.51
CA LEU A 24 2.44 -3.27 10.94
C LEU A 24 3.77 -2.63 11.35
N LEU A 25 4.57 -2.11 10.41
CA LEU A 25 5.88 -1.54 10.79
C LEU A 25 5.72 -0.51 11.89
N VAL A 26 4.62 0.22 11.85
CA VAL A 26 4.36 1.23 12.86
C VAL A 26 3.95 0.61 14.19
N ARG A 27 3.33 -0.56 14.10
CA ARG A 27 2.88 -1.29 15.29
C ARG A 27 3.94 -1.28 16.39
N SER A 28 5.06 -1.92 16.12
CA SER A 28 6.15 -2.00 17.11
C SER A 28 7.08 -0.79 17.01
N TYR A 29 6.82 0.11 16.06
CA TYR A 29 7.64 1.30 15.89
C TYR A 29 6.80 2.57 16.04
N GLN A 30 5.79 2.51 16.90
CA GLN A 30 4.90 3.66 17.12
C GLN A 30 5.70 4.94 17.30
N TYR A 31 5.39 5.94 16.48
CA TYR A 31 6.08 7.23 16.54
C TYR A 31 5.15 8.36 16.12
N MET A 1 1.08 -9.03 -23.71
CA MET A 1 0.32 -10.03 -22.92
C MET A 1 -0.86 -9.38 -22.19
N GLY A 2 -0.59 -8.27 -21.50
CA GLY A 2 -1.62 -7.57 -20.76
C GLY A 2 -1.75 -6.12 -21.18
N ILE A 3 -2.98 -5.64 -21.25
CA ILE A 3 -3.23 -4.25 -21.63
C ILE A 3 -4.57 -3.76 -21.10
N ASN A 4 -4.92 -2.52 -21.43
CA ASN A 4 -6.18 -1.92 -20.99
C ASN A 4 -6.18 -1.72 -19.48
N THR A 5 -6.31 -2.82 -18.74
CA THR A 5 -6.33 -2.77 -17.29
C THR A 5 -5.04 -2.15 -16.75
N ARG A 6 -5.18 -1.14 -15.89
CA ARG A 6 -4.04 -0.47 -15.29
C ARG A 6 -4.50 0.65 -14.36
N GLU A 7 -5.39 1.51 -14.86
CA GLU A 7 -5.91 2.63 -14.08
C GLU A 7 -4.79 3.27 -13.26
N LEU A 8 -5.13 3.85 -12.10
CA LEU A 8 -4.13 4.48 -11.25
C LEU A 8 -3.54 3.46 -10.27
N PHE A 9 -3.12 2.31 -10.81
CA PHE A 9 -2.54 1.25 -9.99
C PHE A 9 -1.47 1.79 -9.05
N LEU A 10 -0.85 2.87 -9.48
CA LEU A 10 0.21 3.51 -8.71
C LEU A 10 -0.31 3.96 -7.35
N ASN A 11 -1.19 4.95 -7.35
CA ASN A 11 -1.75 5.49 -6.11
C ASN A 11 -2.42 4.40 -5.27
N PHE A 12 -2.88 3.35 -5.92
CA PHE A 12 -3.53 2.25 -5.21
C PHE A 12 -2.50 1.34 -4.53
N THR A 13 -1.71 0.64 -5.35
CA THR A 13 -0.69 -0.26 -4.83
C THR A 13 0.16 0.39 -3.73
N ILE A 14 0.22 1.71 -3.72
CA ILE A 14 0.99 2.43 -2.71
C ILE A 14 0.17 2.70 -1.49
N VAL A 15 -0.76 3.60 -1.63
CA VAL A 15 -1.67 3.98 -0.55
C VAL A 15 -2.20 2.73 0.16
N LEU A 16 -2.34 1.64 -0.58
CA LEU A 16 -2.84 0.41 0.00
C LEU A 16 -1.73 -0.39 0.67
N ILE A 17 -0.72 -0.81 -0.09
CA ILE A 17 0.37 -1.56 0.49
C ILE A 17 1.12 -0.69 1.52
N THR A 18 0.84 0.61 1.49
CA THR A 18 1.47 1.54 2.43
C THR A 18 0.72 1.54 3.76
N VAL A 19 -0.61 1.59 3.71
CA VAL A 19 -1.41 1.58 4.92
C VAL A 19 -1.12 0.33 5.75
N ILE A 20 -1.23 -0.83 5.11
CA ILE A 20 -0.95 -2.08 5.77
C ILE A 20 0.48 -2.13 6.27
N LEU A 21 1.42 -1.74 5.41
CA LEU A 21 2.83 -1.71 5.77
C LEU A 21 3.04 -1.03 7.12
N MET A 22 2.38 0.11 7.32
CA MET A 22 2.49 0.84 8.56
C MET A 22 1.64 0.18 9.65
N TRP A 23 0.71 -0.67 9.23
CA TRP A 23 -0.16 -1.36 10.16
C TRP A 23 0.60 -2.43 10.94
N LEU A 24 1.67 -2.94 10.34
CA LEU A 24 2.47 -3.95 11.01
C LEU A 24 3.88 -3.45 11.32
N LEU A 25 4.34 -2.42 10.63
CA LEU A 25 5.67 -1.88 10.90
C LEU A 25 5.61 -0.78 11.97
N VAL A 26 4.40 -0.31 12.27
CA VAL A 26 4.23 0.73 13.28
C VAL A 26 3.68 0.16 14.57
N ARG A 27 2.95 -0.94 14.45
CA ARG A 27 2.34 -1.59 15.61
C ARG A 27 3.36 -1.93 16.69
N SER A 28 4.65 -1.86 16.37
CA SER A 28 5.70 -2.17 17.34
C SER A 28 6.67 -1.02 17.47
N TYR A 29 7.67 -1.01 16.59
CA TYR A 29 8.69 0.04 16.57
C TYR A 29 9.82 -0.34 15.61
N GLN A 30 9.47 -0.56 14.35
CA GLN A 30 10.45 -0.92 13.33
C GLN A 30 9.80 -1.09 11.97
N TYR A 31 10.49 -0.62 10.93
CA TYR A 31 9.99 -0.71 9.56
C TYR A 31 11.10 -1.10 8.59
N MET A 1 -16.59 -0.66 -16.38
CA MET A 1 -16.72 -1.84 -15.49
C MET A 1 -15.36 -2.26 -14.93
N GLY A 2 -14.66 -1.30 -14.33
CA GLY A 2 -13.35 -1.58 -13.76
C GLY A 2 -12.22 -1.28 -14.72
N ILE A 3 -12.42 -1.59 -16.00
CA ILE A 3 -11.42 -1.35 -17.02
C ILE A 3 -10.19 -2.23 -16.81
N ASN A 4 -10.32 -3.24 -15.95
CA ASN A 4 -9.21 -4.15 -15.66
C ASN A 4 -7.93 -3.39 -15.32
N THR A 5 -7.79 -3.04 -14.04
CA THR A 5 -6.62 -2.30 -13.57
C THR A 5 -6.25 -1.17 -14.53
N ARG A 6 -4.98 -0.74 -14.49
CA ARG A 6 -4.47 0.33 -15.35
C ARG A 6 -4.76 1.70 -14.73
N GLU A 7 -5.99 1.90 -14.28
CA GLU A 7 -6.39 3.16 -13.69
C GLU A 7 -5.72 3.35 -12.32
N LEU A 8 -5.11 4.52 -12.13
CA LEU A 8 -4.41 4.87 -10.88
C LEU A 8 -3.90 3.64 -10.12
N PHE A 9 -3.33 2.69 -10.86
CA PHE A 9 -2.81 1.47 -10.28
C PHE A 9 -1.71 1.76 -9.27
N LEU A 10 -1.03 2.87 -9.47
CA LEU A 10 0.06 3.27 -8.57
C LEU A 10 -0.50 3.93 -7.31
N ASN A 11 -1.74 4.39 -7.37
CA ASN A 11 -2.37 5.02 -6.22
C ASN A 11 -2.86 3.94 -5.26
N PHE A 12 -3.39 2.86 -5.81
CA PHE A 12 -3.91 1.77 -5.01
C PHE A 12 -2.78 0.91 -4.43
N THR A 13 -1.68 0.79 -5.15
CA THR A 13 -0.56 -0.03 -4.68
C THR A 13 0.39 0.75 -3.77
N ILE A 14 0.39 2.07 -3.89
CA ILE A 14 1.27 2.90 -3.07
C ILE A 14 0.55 3.50 -1.88
N VAL A 15 -0.77 3.44 -1.92
CA VAL A 15 -1.57 3.92 -0.82
C VAL A 15 -2.03 2.75 0.02
N LEU A 16 -2.18 1.60 -0.63
CA LEU A 16 -2.60 0.39 0.07
C LEU A 16 -1.42 -0.36 0.65
N ILE A 17 -0.39 -0.62 -0.14
CA ILE A 17 0.77 -1.31 0.38
C ILE A 17 1.46 -0.44 1.42
N THR A 18 1.16 0.85 1.40
CA THR A 18 1.73 1.78 2.37
C THR A 18 0.96 1.70 3.67
N VAL A 19 -0.37 1.63 3.58
CA VAL A 19 -1.21 1.54 4.77
C VAL A 19 -0.83 0.33 5.63
N ILE A 20 -0.92 -0.88 5.06
CA ILE A 20 -0.61 -2.08 5.80
C ILE A 20 0.84 -2.09 6.27
N LEU A 21 1.78 -1.71 5.40
CA LEU A 21 3.19 -1.68 5.77
C LEU A 21 3.39 -0.89 7.05
N MET A 22 2.58 0.15 7.24
CA MET A 22 2.67 1.00 8.42
C MET A 22 1.70 0.53 9.50
N TRP A 23 0.66 -0.21 9.10
CA TRP A 23 -0.32 -0.71 10.04
C TRP A 23 0.23 -1.92 10.80
N LEU A 24 1.31 -2.48 10.29
CA LEU A 24 1.95 -3.62 10.93
C LEU A 24 3.32 -3.23 11.49
N LEU A 25 4.01 -2.32 10.79
CA LEU A 25 5.31 -1.87 11.23
C LEU A 25 5.19 -1.14 12.57
N VAL A 26 4.16 -0.33 12.68
CA VAL A 26 3.91 0.42 13.90
C VAL A 26 3.60 -0.49 15.07
N ARG A 27 2.98 -1.62 14.76
CA ARG A 27 2.62 -2.59 15.78
C ARG A 27 3.85 -3.14 16.49
N SER A 28 5.00 -3.08 15.82
CA SER A 28 6.25 -3.57 16.39
C SER A 28 6.21 -5.08 16.54
N TYR A 29 6.15 -5.78 15.41
CA TYR A 29 6.10 -7.24 15.39
C TYR A 29 6.98 -7.87 16.47
N GLN A 30 8.15 -7.30 16.66
CA GLN A 30 9.12 -7.73 17.68
C GLN A 30 10.55 -7.55 17.16
N TYR A 31 11.52 -8.02 17.94
CA TYR A 31 12.92 -7.90 17.56
C TYR A 31 13.33 -9.08 16.66
N MET A 1 7.12 9.71 -20.12
CA MET A 1 6.21 9.04 -21.10
C MET A 1 5.08 8.29 -20.38
N GLY A 2 4.79 8.69 -19.15
CA GLY A 2 3.74 8.04 -18.39
C GLY A 2 4.16 6.69 -17.85
N ILE A 3 5.46 6.53 -17.59
CA ILE A 3 6.01 5.29 -17.06
C ILE A 3 5.41 4.06 -17.74
N ASN A 4 5.69 2.88 -17.18
CA ASN A 4 5.18 1.63 -17.75
C ASN A 4 3.67 1.52 -17.58
N THR A 5 2.94 2.36 -18.29
CA THR A 5 1.49 2.37 -18.25
C THR A 5 0.96 2.49 -16.81
N ARG A 6 0.51 1.38 -16.21
CA ARG A 6 -0.02 1.40 -14.85
C ARG A 6 -0.99 2.57 -14.66
N GLU A 7 -2.21 2.40 -15.14
CA GLU A 7 -3.23 3.44 -15.04
C GLU A 7 -3.29 4.01 -13.62
N LEU A 8 -3.80 3.20 -12.68
CA LEU A 8 -3.91 3.63 -11.29
C LEU A 8 -3.31 2.61 -10.34
N PHE A 9 -2.49 1.71 -10.88
CA PHE A 9 -1.85 0.68 -10.08
C PHE A 9 -0.90 1.29 -9.05
N LEU A 10 -0.54 2.54 -9.24
CA LEU A 10 0.34 3.24 -8.32
C LEU A 10 -0.40 3.68 -7.07
N ASN A 11 -1.10 4.81 -7.16
CA ASN A 11 -1.87 5.33 -6.02
C ASN A 11 -2.60 4.21 -5.29
N PHE A 12 -3.01 3.20 -6.05
CA PHE A 12 -3.72 2.06 -5.48
C PHE A 12 -2.80 1.29 -4.54
N THR A 13 -1.67 0.84 -5.06
CA THR A 13 -0.71 0.09 -4.28
C THR A 13 0.10 0.98 -3.33
N ILE A 14 -0.12 2.29 -3.40
CA ILE A 14 0.60 3.23 -2.55
C ILE A 14 -0.22 3.58 -1.32
N VAL A 15 -1.53 3.41 -1.44
CA VAL A 15 -2.43 3.69 -0.35
C VAL A 15 -2.68 2.42 0.44
N LEU A 16 -2.55 1.28 -0.24
CA LEU A 16 -2.76 -0.02 0.39
C LEU A 16 -1.47 -0.63 0.91
N ILE A 17 -0.43 -0.71 0.09
CA ILE A 17 0.82 -1.28 0.56
C ILE A 17 1.43 -0.37 1.62
N THR A 18 0.94 0.87 1.68
CA THR A 18 1.42 1.82 2.68
C THR A 18 0.59 1.72 3.95
N VAL A 19 -0.73 1.70 3.80
CA VAL A 19 -1.62 1.60 4.96
C VAL A 19 -1.30 0.34 5.72
N ILE A 20 -1.21 -0.75 4.98
CA ILE A 20 -0.90 -2.06 5.55
C ILE A 20 0.50 -2.06 6.16
N LEU A 21 1.50 -1.71 5.34
CA LEU A 21 2.88 -1.66 5.81
C LEU A 21 2.97 -0.92 7.14
N MET A 22 2.74 0.40 7.09
CA MET A 22 2.77 1.22 8.30
C MET A 22 1.92 0.62 9.40
N TRP A 23 0.75 0.11 9.04
CA TRP A 23 -0.13 -0.49 10.03
C TRP A 23 0.47 -1.78 10.56
N LEU A 24 1.57 -2.20 9.96
CA LEU A 24 2.23 -3.42 10.37
C LEU A 24 3.54 -3.15 11.13
N LEU A 25 4.57 -2.69 10.43
CA LEU A 25 5.86 -2.45 11.09
C LEU A 25 5.70 -1.50 12.26
N VAL A 26 4.70 -0.64 12.17
CA VAL A 26 4.43 0.28 13.27
C VAL A 26 3.69 -0.44 14.38
N ARG A 27 2.90 -1.43 13.99
CA ARG A 27 2.13 -2.25 14.92
C ARG A 27 2.50 -3.73 14.80
N SER A 28 3.75 -4.07 15.11
CA SER A 28 4.21 -5.46 15.05
C SER A 28 5.02 -5.84 16.29
N TYR A 29 5.08 -4.94 17.26
CA TYR A 29 5.83 -5.20 18.49
C TYR A 29 5.70 -4.04 19.48
N GLN A 30 5.56 -2.84 18.94
CA GLN A 30 5.42 -1.64 19.76
C GLN A 30 4.36 -0.70 19.20
N TYR A 31 3.64 -0.03 20.09
CA TYR A 31 2.58 0.91 19.71
C TYR A 31 1.77 0.40 18.51
N MET A 1 -10.24 -9.78 -15.80
CA MET A 1 -10.90 -8.54 -15.32
C MET A 1 -10.11 -7.90 -14.17
N GLY A 2 -9.94 -6.59 -14.23
CA GLY A 2 -9.20 -5.89 -13.20
C GLY A 2 -7.71 -5.87 -13.46
N ILE A 3 -7.09 -4.71 -13.28
CA ILE A 3 -5.66 -4.54 -13.48
C ILE A 3 -5.19 -5.25 -14.77
N ASN A 4 -5.51 -4.65 -15.91
CA ASN A 4 -5.13 -5.21 -17.20
C ASN A 4 -4.00 -4.40 -17.83
N THR A 5 -3.98 -3.10 -17.56
CA THR A 5 -2.97 -2.22 -18.11
C THR A 5 -2.21 -1.51 -16.98
N ARG A 6 -2.95 -0.93 -16.05
CA ARG A 6 -2.36 -0.22 -14.93
C ARG A 6 -3.42 0.18 -13.91
N GLU A 7 -4.50 0.80 -14.40
CA GLU A 7 -5.61 1.24 -13.56
C GLU A 7 -5.12 1.82 -12.23
N LEU A 8 -4.68 3.08 -12.27
CA LEU A 8 -4.20 3.80 -11.08
C LEU A 8 -3.53 2.84 -10.07
N PHE A 9 -2.44 2.20 -10.50
CA PHE A 9 -1.74 1.26 -9.63
C PHE A 9 -0.80 1.97 -8.69
N LEU A 10 -0.26 3.09 -9.14
CA LEU A 10 0.69 3.86 -8.34
C LEU A 10 0.11 4.19 -6.95
N ASN A 11 -1.10 4.74 -6.89
CA ASN A 11 -1.72 5.04 -5.60
C ASN A 11 -2.42 3.82 -5.04
N PHE A 12 -2.96 2.99 -5.92
CA PHE A 12 -3.64 1.78 -5.48
C PHE A 12 -2.70 0.90 -4.64
N THR A 13 -1.48 0.74 -5.10
CA THR A 13 -0.49 -0.07 -4.40
C THR A 13 0.35 0.73 -3.40
N ILE A 14 0.37 2.05 -3.56
CA ILE A 14 1.13 2.92 -2.65
C ILE A 14 0.25 3.44 -1.53
N VAL A 15 -1.05 3.26 -1.70
CA VAL A 15 -2.00 3.67 -0.70
C VAL A 15 -2.50 2.43 0.04
N LEU A 16 -2.51 1.31 -0.67
CA LEU A 16 -2.97 0.07 -0.08
C LEU A 16 -1.84 -0.65 0.65
N ILE A 17 -0.73 -0.90 -0.03
CA ILE A 17 0.40 -1.57 0.60
C ILE A 17 1.00 -0.67 1.67
N THR A 18 0.67 0.61 1.61
CA THR A 18 1.17 1.56 2.58
C THR A 18 0.31 1.59 3.83
N VAL A 19 -1.02 1.51 3.66
CA VAL A 19 -1.92 1.51 4.80
C VAL A 19 -1.80 0.21 5.60
N ILE A 20 -1.65 -0.91 4.90
CA ILE A 20 -1.51 -2.17 5.57
C ILE A 20 -0.18 -2.25 6.30
N LEU A 21 0.92 -1.98 5.61
CA LEU A 21 2.22 -2.01 6.26
C LEU A 21 2.28 -1.02 7.40
N MET A 22 1.85 0.22 7.19
CA MET A 22 1.89 1.21 8.27
C MET A 22 1.32 0.61 9.54
N TRP A 23 0.15 -0.03 9.43
CA TRP A 23 -0.46 -0.67 10.58
C TRP A 23 0.42 -1.81 11.08
N LEU A 24 1.31 -2.26 10.22
CA LEU A 24 2.22 -3.35 10.56
C LEU A 24 3.63 -2.90 10.95
N LEU A 25 4.44 -2.37 10.02
CA LEU A 25 5.81 -1.99 10.38
C LEU A 25 5.82 -1.04 11.57
N VAL A 26 4.75 -0.27 11.71
CA VAL A 26 4.65 0.66 12.82
C VAL A 26 4.56 -0.10 14.13
N ARG A 27 3.93 -1.26 14.08
CA ARG A 27 3.78 -2.10 15.26
C ARG A 27 5.09 -2.82 15.58
N SER A 28 5.91 -3.04 14.56
CA SER A 28 7.20 -3.70 14.72
C SER A 28 7.05 -5.02 15.49
N TYR A 29 5.89 -5.65 15.38
CA TYR A 29 5.64 -6.90 16.06
C TYR A 29 5.33 -8.03 15.07
N GLN A 30 5.21 -7.68 13.80
CA GLN A 30 4.92 -8.67 12.76
C GLN A 30 6.19 -9.01 11.97
N TYR A 31 6.74 -10.18 12.24
CA TYR A 31 7.96 -10.62 11.56
C TYR A 31 7.62 -11.50 10.35
N MET A 1 -7.39 -5.27 -3.82
CA MET A 1 -7.71 -4.07 -4.63
C MET A 1 -8.82 -4.36 -5.63
N GLY A 2 -9.09 -3.39 -6.50
CA GLY A 2 -10.14 -3.56 -7.49
C GLY A 2 -9.61 -3.45 -8.91
N ILE A 3 -10.46 -2.99 -9.83
CA ILE A 3 -10.09 -2.83 -11.22
C ILE A 3 -9.63 -4.16 -11.82
N ASN A 4 -8.33 -4.36 -11.90
CA ASN A 4 -7.77 -5.59 -12.45
C ASN A 4 -6.24 -5.58 -12.38
N THR A 5 -5.70 -5.04 -11.28
CA THR A 5 -4.27 -4.97 -11.07
C THR A 5 -3.58 -4.05 -12.10
N ARG A 6 -4.33 -3.56 -13.07
CA ARG A 6 -3.78 -2.69 -14.10
C ARG A 6 -3.97 -1.21 -13.75
N GLU A 7 -4.97 -0.55 -14.35
CA GLU A 7 -5.20 0.86 -14.07
C GLU A 7 -5.48 1.10 -12.59
N LEU A 8 -5.05 2.26 -12.11
CA LEU A 8 -5.23 2.65 -10.71
C LEU A 8 -4.37 1.81 -9.76
N PHE A 9 -3.56 0.92 -10.32
CA PHE A 9 -2.69 0.07 -9.51
C PHE A 9 -1.61 0.88 -8.84
N LEU A 10 -1.22 1.97 -9.49
CA LEU A 10 -0.19 2.86 -8.96
C LEU A 10 -0.66 3.56 -7.69
N ASN A 11 -1.61 4.47 -7.83
CA ASN A 11 -2.16 5.20 -6.68
C ASN A 11 -2.55 4.26 -5.57
N PHE A 12 -3.00 3.06 -5.94
CA PHE A 12 -3.43 2.07 -4.96
C PHE A 12 -2.23 1.35 -4.32
N THR A 13 -1.43 0.69 -5.16
CA THR A 13 -0.28 -0.06 -4.66
C THR A 13 0.55 0.74 -3.66
N ILE A 14 0.47 2.07 -3.73
CA ILE A 14 1.23 2.91 -2.81
C ILE A 14 0.42 3.19 -1.56
N VAL A 15 -0.75 3.71 -1.78
CA VAL A 15 -1.67 4.04 -0.70
C VAL A 15 -2.02 2.80 0.11
N LEU A 16 -1.90 1.65 -0.52
CA LEU A 16 -2.17 0.39 0.15
C LEU A 16 -0.95 -0.10 0.91
N ILE A 17 0.20 -0.15 0.24
CA ILE A 17 1.41 -0.58 0.89
C ILE A 17 1.78 0.40 2.00
N THR A 18 1.25 1.62 1.91
CA THR A 18 1.53 2.63 2.92
C THR A 18 0.67 2.40 4.16
N VAL A 19 -0.62 2.21 3.94
CA VAL A 19 -1.55 1.96 5.04
C VAL A 19 -1.31 0.58 5.63
N ILE A 20 -1.30 -0.43 4.77
CA ILE A 20 -1.06 -1.80 5.21
C ILE A 20 0.24 -1.89 5.99
N LEU A 21 1.30 -1.32 5.45
CA LEU A 21 2.59 -1.33 6.10
C LEU A 21 2.55 -0.56 7.42
N MET A 22 1.65 0.40 7.52
CA MET A 22 1.53 1.21 8.72
C MET A 22 1.04 0.39 9.92
N TRP A 23 0.09 -0.52 9.68
CA TRP A 23 -0.43 -1.35 10.76
C TRP A 23 0.56 -2.42 11.14
N LEU A 24 1.28 -2.91 10.15
CA LEU A 24 2.24 -3.97 10.34
C LEU A 24 3.66 -3.47 10.61
N LEU A 25 3.98 -2.26 10.17
CA LEU A 25 5.31 -1.70 10.41
C LEU A 25 5.36 -1.14 11.81
N VAL A 26 4.29 -0.45 12.17
CA VAL A 26 4.17 0.15 13.49
C VAL A 26 3.99 -0.92 14.55
N ARG A 27 3.36 -2.02 14.16
CA ARG A 27 3.09 -3.12 15.07
C ARG A 27 4.13 -4.23 14.91
N SER A 28 4.82 -4.25 13.77
CA SER A 28 5.82 -5.27 13.51
C SER A 28 5.19 -6.66 13.43
N TYR A 29 4.23 -6.81 12.51
CA TYR A 29 3.53 -8.08 12.34
C TYR A 29 4.38 -9.08 11.56
N GLN A 30 5.54 -8.63 11.09
CA GLN A 30 6.43 -9.50 10.32
C GLN A 30 7.72 -8.77 9.93
N TYR A 31 8.36 -8.15 10.91
CA TYR A 31 9.60 -7.42 10.67
C TYR A 31 10.69 -8.36 10.14
N MET A 1 3.50 -4.18 -11.71
CA MET A 1 2.98 -2.92 -12.30
C MET A 1 1.47 -2.84 -12.10
N GLY A 2 0.70 -3.52 -12.97
CA GLY A 2 -0.74 -3.52 -12.85
C GLY A 2 -1.43 -3.84 -14.16
N ILE A 3 -2.57 -4.51 -14.08
CA ILE A 3 -3.33 -4.88 -15.27
C ILE A 3 -3.72 -3.64 -16.08
N ASN A 4 -4.48 -3.85 -17.15
CA ASN A 4 -4.91 -2.75 -18.02
C ASN A 4 -6.07 -1.98 -17.40
N THR A 5 -5.75 -1.08 -16.47
CA THR A 5 -6.76 -0.26 -15.81
C THR A 5 -6.10 0.88 -15.04
N ARG A 6 -6.92 1.83 -14.59
CA ARG A 6 -6.41 2.97 -13.84
C ARG A 6 -6.85 2.87 -12.38
N GLU A 7 -7.99 3.46 -12.05
CA GLU A 7 -8.51 3.43 -10.68
C GLU A 7 -7.41 3.75 -9.66
N LEU A 8 -6.55 4.70 -10.00
CA LEU A 8 -5.46 5.08 -9.11
C LEU A 8 -4.55 3.89 -8.82
N PHE A 9 -4.46 2.98 -9.79
CA PHE A 9 -3.64 1.77 -9.64
C PHE A 9 -2.24 2.10 -9.12
N LEU A 10 -1.79 3.31 -9.39
CA LEU A 10 -0.48 3.76 -8.96
C LEU A 10 -0.47 4.10 -7.48
N ASN A 11 -1.09 5.22 -7.14
CA ASN A 11 -1.16 5.66 -5.75
C ASN A 11 -1.96 4.69 -4.88
N PHE A 12 -2.72 3.81 -5.51
CA PHE A 12 -3.51 2.83 -4.78
C PHE A 12 -2.64 1.65 -4.38
N THR A 13 -1.84 1.15 -5.33
CA THR A 13 -0.97 0.02 -5.08
C THR A 13 0.13 0.33 -4.08
N ILE A 14 0.58 1.58 -4.02
CA ILE A 14 1.62 1.95 -3.10
C ILE A 14 1.05 2.27 -1.73
N VAL A 15 0.00 3.06 -1.73
CA VAL A 15 -0.69 3.42 -0.50
C VAL A 15 -1.37 2.19 0.09
N LEU A 16 -1.65 1.21 -0.75
CA LEU A 16 -2.29 0.01 -0.25
C LEU A 16 -1.24 -0.81 0.47
N ILE A 17 -0.05 -0.94 -0.15
CA ILE A 17 1.05 -1.64 0.50
C ILE A 17 1.47 -0.88 1.74
N THR A 18 1.26 0.43 1.70
CA THR A 18 1.60 1.29 2.82
C THR A 18 0.65 1.04 3.98
N VAL A 19 -0.65 1.16 3.73
CA VAL A 19 -1.65 0.91 4.75
C VAL A 19 -1.34 -0.36 5.51
N ILE A 20 -0.84 -1.36 4.78
CA ILE A 20 -0.49 -2.64 5.39
C ILE A 20 0.64 -2.47 6.40
N LEU A 21 1.86 -2.26 5.91
CA LEU A 21 3.00 -2.08 6.80
C LEU A 21 2.67 -1.19 7.98
N MET A 22 2.22 0.03 7.71
CA MET A 22 1.87 0.92 8.80
C MET A 22 1.04 0.20 9.86
N TRP A 23 0.10 -0.62 9.40
CA TRP A 23 -0.76 -1.40 10.29
C TRP A 23 0.06 -2.29 11.18
N LEU A 24 1.20 -2.72 10.68
CA LEU A 24 2.07 -3.58 11.49
C LEU A 24 3.48 -3.00 11.65
N LEU A 25 4.15 -2.64 10.55
CA LEU A 25 5.49 -2.09 10.61
C LEU A 25 5.54 -0.87 11.51
N VAL A 26 4.44 -0.16 11.62
CA VAL A 26 4.38 1.03 12.46
C VAL A 26 3.73 0.74 13.80
N ARG A 27 2.78 -0.17 13.78
CA ARG A 27 2.07 -0.55 14.99
C ARG A 27 2.75 -1.75 15.66
N SER A 28 4.07 -1.70 15.76
CA SER A 28 4.83 -2.78 16.38
C SER A 28 5.15 -2.46 17.84
N TYR A 29 4.27 -1.69 18.48
CA TYR A 29 4.43 -1.29 19.89
C TYR A 29 5.38 -0.10 20.03
N GLN A 30 6.10 0.22 18.94
CA GLN A 30 7.04 1.33 18.95
C GLN A 30 8.23 1.04 19.85
N TYR A 31 9.40 1.55 19.46
CA TYR A 31 10.61 1.34 20.25
C TYR A 31 11.30 2.67 20.53
N MET A 1 -1.89 -4.30 -18.29
CA MET A 1 -1.98 -5.11 -17.04
C MET A 1 -3.19 -4.68 -16.22
N GLY A 2 -3.60 -5.53 -15.28
CA GLY A 2 -4.75 -5.21 -14.44
C GLY A 2 -4.55 -5.63 -13.00
N ILE A 3 -5.16 -6.76 -12.64
CA ILE A 3 -5.05 -7.27 -11.27
C ILE A 3 -5.69 -6.30 -10.27
N ASN A 4 -6.56 -6.83 -9.42
CA ASN A 4 -7.25 -6.03 -8.42
C ASN A 4 -8.10 -4.94 -9.07
N THR A 5 -7.46 -3.83 -9.44
CA THR A 5 -8.17 -2.73 -10.07
C THR A 5 -7.56 -2.39 -11.43
N ARG A 6 -7.88 -1.21 -11.95
CA ARG A 6 -7.37 -0.78 -13.24
C ARG A 6 -7.07 0.72 -13.24
N GLU A 7 -8.00 1.51 -12.72
CA GLU A 7 -7.84 2.96 -12.68
C GLU A 7 -6.92 3.40 -11.54
N LEU A 8 -7.37 3.17 -10.30
CA LEU A 8 -6.60 3.56 -9.13
C LEU A 8 -5.65 2.45 -8.67
N PHE A 9 -5.09 1.71 -9.62
CA PHE A 9 -4.18 0.62 -9.29
C PHE A 9 -2.81 1.16 -8.89
N LEU A 10 -2.50 2.36 -9.34
CA LEU A 10 -1.23 3.00 -9.05
C LEU A 10 -1.30 3.74 -7.71
N ASN A 11 -2.31 4.60 -7.57
CA ASN A 11 -2.48 5.37 -6.34
C ASN A 11 -2.77 4.43 -5.17
N PHE A 12 -3.43 3.32 -5.45
CA PHE A 12 -3.77 2.35 -4.43
C PHE A 12 -2.58 1.47 -4.07
N THR A 13 -1.86 1.00 -5.08
CA THR A 13 -0.70 0.13 -4.84
C THR A 13 0.38 0.84 -4.02
N ILE A 14 0.42 2.18 -4.10
CA ILE A 14 1.38 2.95 -3.36
C ILE A 14 0.92 3.17 -1.94
N VAL A 15 -0.31 3.60 -1.81
CA VAL A 15 -0.92 3.83 -0.51
C VAL A 15 -1.14 2.49 0.19
N LEU A 16 -1.26 1.44 -0.60
CA LEU A 16 -1.47 0.09 -0.09
C LEU A 16 -0.23 -0.37 0.62
N ILE A 17 0.86 -0.50 -0.13
CA ILE A 17 2.12 -0.91 0.45
C ILE A 17 2.50 0.01 1.60
N THR A 18 1.96 1.22 1.55
CA THR A 18 2.21 2.22 2.58
C THR A 18 1.38 1.94 3.83
N VAL A 19 0.10 1.68 3.64
CA VAL A 19 -0.80 1.42 4.75
C VAL A 19 -0.51 0.07 5.42
N ILE A 20 -0.02 -0.90 4.63
CA ILE A 20 0.26 -2.21 5.16
C ILE A 20 1.54 -2.26 5.99
N LEU A 21 2.65 -1.73 5.48
CA LEU A 21 3.89 -1.77 6.23
C LEU A 21 3.82 -0.89 7.46
N MET A 22 3.01 0.17 7.38
CA MET A 22 2.86 1.11 8.49
C MET A 22 1.79 0.65 9.48
N TRP A 23 0.71 0.06 8.98
CA TRP A 23 -0.36 -0.41 9.84
C TRP A 23 0.00 -1.75 10.48
N LEU A 24 1.08 -2.36 10.01
CA LEU A 24 1.53 -3.63 10.54
C LEU A 24 2.84 -3.48 11.32
N LEU A 25 3.70 -2.54 10.91
CA LEU A 25 4.96 -2.35 11.61
C LEU A 25 4.70 -1.57 12.89
N VAL A 26 3.76 -0.65 12.81
CA VAL A 26 3.38 0.17 13.96
C VAL A 26 2.50 -0.62 14.91
N ARG A 27 1.73 -1.53 14.35
CA ARG A 27 0.81 -2.37 15.11
C ARG A 27 1.56 -3.44 15.89
N SER A 28 2.25 -4.32 15.18
CA SER A 28 3.01 -5.40 15.81
C SER A 28 4.20 -4.90 16.61
N TYR A 29 4.47 -3.60 16.55
CA TYR A 29 5.59 -3.03 17.30
C TYR A 29 5.12 -2.29 18.54
N GLN A 30 3.92 -1.74 18.46
CA GLN A 30 3.35 -1.00 19.57
C GLN A 30 1.93 -0.53 19.24
N TYR A 31 1.37 0.30 20.10
CA TYR A 31 0.02 0.83 19.91
C TYR A 31 0.05 2.32 19.60
N MET A 1 1.18 -1.98 -16.23
CA MET A 1 0.32 -1.46 -17.32
C MET A 1 -0.53 -2.57 -17.91
N GLY A 2 -1.82 -2.57 -17.57
CA GLY A 2 -2.71 -3.59 -18.09
C GLY A 2 -2.78 -4.80 -17.18
N ILE A 3 -3.84 -4.87 -16.36
CA ILE A 3 -4.01 -5.98 -15.44
C ILE A 3 -5.50 -6.26 -15.21
N ASN A 4 -6.15 -6.84 -16.20
CA ASN A 4 -7.57 -7.16 -16.11
C ASN A 4 -8.41 -5.90 -15.93
N THR A 5 -8.46 -5.38 -14.70
CA THR A 5 -9.22 -4.18 -14.41
C THR A 5 -8.38 -2.93 -14.67
N ARG A 6 -7.36 -2.73 -13.84
CA ARG A 6 -6.47 -1.59 -13.98
C ARG A 6 -7.26 -0.29 -13.79
N GLU A 7 -7.30 0.17 -12.55
CA GLU A 7 -8.00 1.40 -12.20
C GLU A 7 -7.21 2.17 -11.17
N LEU A 8 -6.56 3.26 -11.60
CA LEU A 8 -5.73 4.09 -10.72
C LEU A 8 -5.00 3.23 -9.68
N PHE A 9 -4.62 2.02 -10.12
CA PHE A 9 -3.90 1.09 -9.25
C PHE A 9 -2.51 1.61 -8.91
N LEU A 10 -2.12 2.75 -9.50
CA LEU A 10 -0.81 3.34 -9.21
C LEU A 10 -0.71 3.69 -7.73
N ASN A 11 -1.40 4.76 -7.33
CA ASN A 11 -1.36 5.17 -5.95
C ASN A 11 -2.03 4.12 -5.07
N PHE A 12 -3.03 3.42 -5.60
CA PHE A 12 -3.69 2.37 -4.82
C PHE A 12 -2.73 1.24 -4.48
N THR A 13 -1.75 0.97 -5.35
CA THR A 13 -0.80 -0.12 -5.10
C THR A 13 0.30 0.30 -4.13
N ILE A 14 0.66 1.58 -4.14
CA ILE A 14 1.68 2.08 -3.25
C ILE A 14 1.08 2.51 -1.94
N VAL A 15 -0.04 3.19 -2.06
CA VAL A 15 -0.78 3.63 -0.89
C VAL A 15 -1.27 2.43 -0.11
N LEU A 16 -1.52 1.33 -0.82
CA LEU A 16 -1.99 0.12 -0.15
C LEU A 16 -0.83 -0.52 0.58
N ILE A 17 0.30 -0.67 -0.11
CA ILE A 17 1.49 -1.22 0.52
C ILE A 17 1.94 -0.31 1.65
N THR A 18 1.51 0.95 1.57
CA THR A 18 1.85 1.94 2.59
C THR A 18 0.94 1.80 3.80
N VAL A 19 -0.37 1.84 3.58
CA VAL A 19 -1.33 1.72 4.67
C VAL A 19 -1.06 0.45 5.46
N ILE A 20 -0.88 -0.66 4.75
CA ILE A 20 -0.60 -1.94 5.40
C ILE A 20 0.70 -1.84 6.18
N LEU A 21 1.71 -1.23 5.55
CA LEU A 21 3.01 -1.03 6.17
C LEU A 21 2.86 -0.28 7.50
N MET A 22 1.77 0.47 7.62
CA MET A 22 1.51 1.24 8.83
C MET A 22 0.91 0.38 9.94
N TRP A 23 -0.06 -0.47 9.61
CA TRP A 23 -0.66 -1.34 10.61
C TRP A 23 0.31 -2.40 11.07
N LEU A 24 1.39 -2.57 10.31
CA LEU A 24 2.38 -3.57 10.63
C LEU A 24 3.63 -2.95 11.23
N LEU A 25 4.25 -2.02 10.51
CA LEU A 25 5.45 -1.36 10.98
C LEU A 25 5.21 -0.77 12.37
N VAL A 26 4.02 -0.24 12.55
CA VAL A 26 3.62 0.35 13.82
C VAL A 26 3.46 -0.75 14.84
N ARG A 27 2.73 -1.73 14.40
CA ARG A 27 2.44 -2.91 15.22
C ARG A 27 3.71 -3.62 15.65
N SER A 28 4.73 -3.56 14.79
CA SER A 28 6.01 -4.19 15.09
C SER A 28 5.85 -5.69 15.31
N TYR A 29 4.78 -6.26 14.71
CA TYR A 29 4.49 -7.70 14.83
C TYR A 29 3.81 -8.01 16.14
N GLN A 30 4.40 -7.51 17.19
CA GLN A 30 3.92 -7.75 18.55
C GLN A 30 2.78 -6.77 18.90
N TYR A 31 2.90 -6.06 20.02
CA TYR A 31 1.88 -5.11 20.43
C TYR A 31 2.37 -3.68 20.27
N MET A 1 8.62 0.65 -3.22
CA MET A 1 8.63 2.09 -3.61
C MET A 1 9.92 2.44 -4.33
N GLY A 2 9.83 2.59 -5.65
CA GLY A 2 11.00 2.92 -6.44
C GLY A 2 10.65 3.65 -7.72
N ILE A 3 10.44 2.89 -8.80
CA ILE A 3 10.09 3.46 -10.09
C ILE A 3 8.81 4.29 -10.00
N ASN A 4 8.36 4.82 -11.12
CA ASN A 4 7.15 5.63 -11.15
C ASN A 4 6.06 4.98 -12.01
N THR A 5 5.98 5.36 -13.30
CA THR A 5 4.99 4.82 -14.24
C THR A 5 3.74 4.32 -13.48
N ARG A 6 3.22 3.14 -13.80
CA ARG A 6 2.06 2.59 -13.12
C ARG A 6 0.78 3.36 -13.48
N GLU A 7 0.86 4.68 -13.46
CA GLU A 7 -0.27 5.56 -13.79
C GLU A 7 -1.38 5.44 -12.75
N LEU A 8 -1.96 4.24 -12.61
CA LEU A 8 -3.03 4.03 -11.64
C LEU A 8 -2.62 3.01 -10.58
N PHE A 9 -1.71 2.13 -10.95
CA PHE A 9 -1.22 1.10 -10.04
C PHE A 9 -0.41 1.74 -8.92
N LEU A 10 0.02 2.98 -9.14
CA LEU A 10 0.80 3.72 -8.18
C LEU A 10 -0.06 4.15 -6.98
N ASN A 11 -1.10 4.93 -7.25
CA ASN A 11 -1.98 5.42 -6.19
C ASN A 11 -2.70 4.28 -5.47
N PHE A 12 -3.05 3.24 -6.21
CA PHE A 12 -3.75 2.10 -5.62
C PHE A 12 -2.82 1.25 -4.77
N THR A 13 -1.81 0.67 -5.41
CA THR A 13 -0.85 -0.20 -4.74
C THR A 13 -0.05 0.54 -3.66
N ILE A 14 -0.11 1.88 -3.64
CA ILE A 14 0.64 2.63 -2.64
C ILE A 14 -0.20 2.82 -1.41
N VAL A 15 -1.36 3.37 -1.63
CA VAL A 15 -2.32 3.59 -0.54
C VAL A 15 -2.52 2.28 0.21
N LEU A 16 -2.31 1.18 -0.48
CA LEU A 16 -2.48 -0.15 0.10
C LEU A 16 -1.26 -0.58 0.90
N ILE A 17 -0.10 -0.73 0.25
CA ILE A 17 1.09 -1.15 0.96
C ILE A 17 1.39 -0.13 2.05
N THR A 18 0.85 1.06 1.89
CA THR A 18 1.03 2.13 2.86
C THR A 18 0.23 1.82 4.12
N VAL A 19 -1.07 1.55 3.96
CA VAL A 19 -1.90 1.26 5.11
C VAL A 19 -1.35 0.08 5.91
N ILE A 20 -1.36 -1.09 5.28
CA ILE A 20 -0.87 -2.33 5.91
C ILE A 20 0.46 -2.15 6.63
N LEU A 21 1.47 -1.64 5.94
CA LEU A 21 2.79 -1.44 6.54
C LEU A 21 2.75 -0.56 7.78
N MET A 22 1.83 0.40 7.82
CA MET A 22 1.74 1.28 8.98
C MET A 22 1.24 0.55 10.22
N TRP A 23 0.01 0.06 10.20
CA TRP A 23 -0.50 -0.64 11.39
C TRP A 23 0.19 -1.97 11.60
N LEU A 24 1.01 -2.39 10.65
CA LEU A 24 1.70 -3.65 10.78
C LEU A 24 3.22 -3.49 10.69
N LEU A 25 3.72 -3.00 9.57
CA LEU A 25 5.15 -2.83 9.41
C LEU A 25 5.69 -1.78 10.39
N VAL A 26 4.81 -0.97 10.95
CA VAL A 26 5.22 0.06 11.89
C VAL A 26 4.82 -0.24 13.33
N ARG A 27 3.72 -0.96 13.50
CA ARG A 27 3.22 -1.29 14.84
C ARG A 27 4.36 -1.72 15.76
N SER A 28 5.16 -2.68 15.31
CA SER A 28 6.29 -3.18 16.09
C SER A 28 7.19 -4.05 15.23
N TYR A 29 6.77 -5.29 15.03
CA TYR A 29 7.51 -6.26 14.23
C TYR A 29 6.95 -7.66 14.44
N GLN A 30 5.63 -7.77 14.44
CA GLN A 30 4.96 -9.06 14.64
C GLN A 30 5.50 -10.11 13.68
N TYR A 31 4.95 -11.32 13.78
CA TYR A 31 5.38 -12.42 12.92
C TYR A 31 4.53 -13.67 13.16
N MET A 1 -4.31 8.44 -15.44
CA MET A 1 -5.14 7.46 -16.19
C MET A 1 -5.20 7.78 -17.68
N GLY A 2 -6.13 7.17 -18.39
CA GLY A 2 -6.26 7.40 -19.82
C GLY A 2 -5.25 6.62 -20.63
N ILE A 3 -5.72 5.93 -21.66
CA ILE A 3 -4.85 5.15 -22.53
C ILE A 3 -4.19 4.01 -21.75
N ASN A 4 -4.30 2.80 -22.27
CA ASN A 4 -3.71 1.62 -21.64
C ASN A 4 -4.38 1.32 -20.30
N THR A 5 -4.33 0.07 -19.87
CA THR A 5 -4.95 -0.37 -18.61
C THR A 5 -4.59 0.55 -17.44
N ARG A 6 -3.56 0.15 -16.65
CA ARG A 6 -3.14 0.93 -15.48
C ARG A 6 -4.34 1.52 -14.73
N GLU A 7 -5.08 0.66 -14.06
CA GLU A 7 -6.25 1.09 -13.29
C GLU A 7 -5.82 1.81 -12.02
N LEU A 8 -5.17 2.96 -12.18
CA LEU A 8 -4.71 3.76 -11.05
C LEU A 8 -3.81 2.93 -10.14
N PHE A 9 -3.00 2.06 -10.75
CA PHE A 9 -2.09 1.20 -9.99
C PHE A 9 -1.15 2.03 -9.12
N LEU A 10 -1.04 3.32 -9.41
CA LEU A 10 -0.18 4.20 -8.64
C LEU A 10 -0.59 4.22 -7.16
N ASN A 11 -1.60 5.01 -6.84
CA ASN A 11 -2.08 5.09 -5.46
C ASN A 11 -2.72 3.79 -5.01
N PHE A 12 -2.95 2.87 -5.94
CA PHE A 12 -3.56 1.59 -5.61
C PHE A 12 -2.63 0.79 -4.70
N THR A 13 -1.44 0.49 -5.19
CA THR A 13 -0.47 -0.27 -4.43
C THR A 13 0.44 0.64 -3.60
N ILE A 14 0.36 1.95 -3.85
CA ILE A 14 1.19 2.92 -3.15
C ILE A 14 0.47 3.49 -1.93
N VAL A 15 -0.82 3.24 -1.85
CA VAL A 15 -1.62 3.69 -0.72
C VAL A 15 -2.12 2.48 0.04
N LEU A 16 -2.22 1.35 -0.65
CA LEU A 16 -2.67 0.13 -0.02
C LEU A 16 -1.51 -0.62 0.62
N ILE A 17 -0.42 -0.82 -0.14
CA ILE A 17 0.74 -1.48 0.43
C ILE A 17 1.31 -0.63 1.55
N THR A 18 1.05 0.65 1.43
CA THR A 18 1.49 1.62 2.42
C THR A 18 0.71 1.45 3.73
N VAL A 19 -0.62 1.54 3.65
CA VAL A 19 -1.45 1.38 4.84
C VAL A 19 -0.99 0.18 5.67
N ILE A 20 -1.02 -1.00 5.05
CA ILE A 20 -0.59 -2.23 5.73
C ILE A 20 0.73 -2.01 6.47
N LEU A 21 1.71 -1.41 5.80
CA LEU A 21 3.00 -1.15 6.44
C LEU A 21 2.88 -0.42 7.77
N MET A 22 2.06 0.63 7.84
CA MET A 22 1.92 1.37 9.09
C MET A 22 1.25 0.60 10.23
N TRP A 23 0.02 0.12 10.05
CA TRP A 23 -0.64 -0.58 11.15
C TRP A 23 0.00 -1.91 11.46
N LEU A 24 0.96 -2.32 10.64
CA LEU A 24 1.62 -3.59 10.88
C LEU A 24 3.12 -3.45 11.06
N LEU A 25 3.81 -2.91 10.05
CA LEU A 25 5.25 -2.75 10.12
C LEU A 25 5.63 -1.78 11.23
N VAL A 26 4.72 -0.90 11.59
CA VAL A 26 4.98 0.07 12.63
C VAL A 26 4.41 -0.38 13.97
N ARG A 27 3.31 -1.11 13.91
CA ARG A 27 2.64 -1.62 15.10
C ARG A 27 3.14 -3.01 15.49
N SER A 28 4.43 -3.29 15.24
CA SER A 28 4.97 -4.61 15.58
C SER A 28 6.46 -4.72 15.28
N TYR A 29 6.78 -4.78 14.01
CA TYR A 29 8.15 -4.95 13.52
C TYR A 29 8.56 -6.41 13.61
N GLN A 30 8.55 -7.08 12.46
CA GLN A 30 8.92 -8.48 12.36
C GLN A 30 7.75 -9.39 12.74
N TYR A 31 6.61 -8.80 13.10
CA TYR A 31 5.44 -9.56 13.48
C TYR A 31 5.74 -10.48 14.67
#